data_3LHH
#
_entry.id   3LHH
#
_cell.length_a   38.605
_cell.length_b   55.257
_cell.length_c   78.822
_cell.angle_alpha   90.00
_cell.angle_beta   90.00
_cell.angle_gamma   90.00
#
_symmetry.space_group_name_H-M   'P 21 21 21'
#
loop_
_entity.id
_entity.type
_entity.pdbx_description
1 polymer 'CBS domain protein'
2 non-polymer 'ADENOSINE MONOPHOSPHATE'
3 water water
#
_entity_poly.entity_id   1
_entity_poly.type   'polypeptide(L)'
_entity_poly.pdbx_seq_one_letter_code
;GHLDDNVTQEDIQA(MSE)LQEGSSAGVIEHNEHA(MSE)VKNVFRLDERTISSL(MSE)VPRSDIVFLDLNLPLDANLR
TV(MSE)QSPHSRFPVCRNNVDD(MSE)VGIISAKQLLSESIAGERLELVDLVKNCNFVPNSLSG(MSE)ELLEHFRTTG
SQ(MSE)VFVVDEYGDLKGLVTLQD(MSE)(MSE)DALTGEFFQEDGS
;
_entity_poly.pdbx_strand_id   A
#
# COMPACT_ATOMS: atom_id res chain seq x y z
N THR A 43 5.80 19.43 -1.04
CA THR A 43 6.49 18.76 -2.14
C THR A 43 6.39 17.23 -2.02
N ILE A 44 5.65 16.77 -1.02
CA ILE A 44 5.44 15.34 -0.76
C ILE A 44 4.71 14.65 -1.92
N SER A 45 4.14 15.46 -2.81
CA SER A 45 3.44 14.92 -3.96
C SER A 45 4.40 14.26 -4.96
N SER A 46 5.62 14.78 -5.03
CA SER A 46 6.56 14.30 -6.04
C SER A 46 7.19 12.94 -5.69
N LEU A 47 7.13 12.55 -4.42
CA LEU A 47 7.68 11.26 -3.98
C LEU A 47 6.59 10.21 -4.00
N VAL A 49 3.55 7.71 -5.11
CA VAL A 49 2.99 6.89 -6.18
C VAL A 49 1.53 7.34 -6.37
N PRO A 50 1.21 7.98 -7.51
CA PRO A 50 -0.13 8.51 -7.78
C PRO A 50 -1.18 7.40 -7.73
N ARG A 51 -2.40 7.72 -7.32
CA ARG A 51 -3.46 6.71 -7.25
C ARG A 51 -3.66 5.93 -8.55
N SER A 52 -3.37 6.53 -9.70
CA SER A 52 -3.53 5.82 -10.96
C SER A 52 -2.46 4.74 -11.19
N ASP A 53 -1.32 4.90 -10.52
CA ASP A 53 -0.23 3.93 -10.64
C ASP A 53 -0.27 2.85 -9.56
N ILE A 54 -1.22 2.95 -8.62
CA ILE A 54 -1.30 1.96 -7.55
C ILE A 54 -1.81 0.61 -8.02
N VAL A 55 -1.07 -0.45 -7.72
CA VAL A 55 -1.50 -1.80 -8.05
C VAL A 55 -2.11 -2.41 -6.80
N PHE A 56 -3.36 -2.84 -6.87
CA PHE A 56 -4.11 -3.18 -5.66
C PHE A 56 -4.93 -4.46 -5.78
N LEU A 57 -5.29 -5.04 -4.64
CA LEU A 57 -6.16 -6.20 -4.62
C LEU A 57 -7.58 -5.84 -4.18
N ASP A 58 -8.58 -6.54 -4.70
CA ASP A 58 -9.99 -6.24 -4.44
C ASP A 58 -10.64 -7.42 -3.73
N LEU A 59 -11.04 -7.18 -2.49
CA LEU A 59 -11.68 -8.20 -1.70
C LEU A 59 -13.01 -8.64 -2.29
N ASN A 60 -13.59 -7.81 -3.16
CA ASN A 60 -14.85 -8.18 -3.83
C ASN A 60 -14.65 -9.02 -5.09
N LEU A 61 -13.38 -9.26 -5.45
CA LEU A 61 -13.02 -10.10 -6.58
C LEU A 61 -12.67 -11.49 -6.10
N PRO A 62 -12.72 -12.49 -7.00
CA PRO A 62 -12.37 -13.87 -6.67
C PRO A 62 -10.90 -13.97 -6.24
N LEU A 63 -10.59 -14.89 -5.33
CA LEU A 63 -9.21 -15.12 -4.90
C LEU A 63 -8.26 -15.31 -6.09
N ASP A 64 -8.74 -15.97 -7.13
CA ASP A 64 -7.90 -16.30 -8.27
C ASP A 64 -7.50 -15.05 -9.05
N ALA A 65 -8.42 -14.10 -9.19
CA ALA A 65 -8.12 -12.86 -9.89
C ALA A 65 -7.05 -12.05 -9.14
N ASN A 66 -7.11 -12.08 -7.81
CA ASN A 66 -6.12 -11.35 -7.03
C ASN A 66 -4.75 -12.03 -7.11
N LEU A 67 -4.75 -13.35 -7.03
CA LEU A 67 -3.57 -14.13 -7.29
C LEU A 67 -2.90 -13.73 -8.60
N ARG A 68 -3.69 -13.59 -9.67
CA ARG A 68 -3.12 -13.25 -10.96
C ARG A 68 -2.56 -11.82 -10.96
N THR A 69 -3.27 -10.91 -10.31
CA THR A 69 -2.75 -9.56 -10.14
C THR A 69 -1.38 -9.60 -9.45
N VAL A 70 -1.27 -10.44 -8.44
CA VAL A 70 -0.01 -10.49 -7.71
C VAL A 70 1.12 -11.11 -8.55
N GLN A 72 1.49 -11.03 -11.63
CA GLN A 72 1.86 -10.20 -12.78
C GLN A 72 2.53 -8.89 -12.37
N SER A 73 3.00 -8.86 -11.13
CA SER A 73 3.65 -7.68 -10.57
C SER A 73 4.88 -8.09 -9.74
N PRO A 74 5.91 -7.22 -9.71
CA PRO A 74 7.08 -7.46 -8.85
C PRO A 74 6.88 -7.00 -7.39
N HIS A 75 5.86 -6.19 -7.10
CA HIS A 75 5.73 -5.57 -5.77
C HIS A 75 5.62 -6.52 -4.59
N SER A 76 6.26 -6.17 -3.47
CA SER A 76 6.20 -7.00 -2.27
C SER A 76 4.92 -6.85 -1.48
N ARG A 77 4.31 -5.67 -1.56
CA ARG A 77 3.10 -5.40 -0.78
CA ARG A 77 3.11 -5.36 -0.78
C ARG A 77 2.02 -4.75 -1.64
N PHE A 78 0.76 -5.10 -1.37
CA PHE A 78 -0.36 -4.56 -2.14
C PHE A 78 -1.43 -3.99 -1.24
N PRO A 79 -1.83 -2.73 -1.48
CA PRO A 79 -3.03 -2.18 -0.87
C PRO A 79 -4.21 -3.04 -1.25
N VAL A 80 -5.15 -3.20 -0.32
CA VAL A 80 -6.33 -4.01 -0.52
C VAL A 80 -7.56 -3.18 -0.25
N CYS A 81 -8.49 -3.20 -1.19
CA CYS A 81 -9.66 -2.38 -1.04
C CYS A 81 -10.91 -3.21 -1.33
N ARG A 82 -12.05 -2.51 -1.34
CA ARG A 82 -13.30 -3.13 -1.76
CA ARG A 82 -13.33 -3.11 -1.73
C ARG A 82 -13.87 -2.32 -2.90
N ASN A 83 -14.04 -2.99 -4.04
CA ASN A 83 -14.58 -2.36 -5.25
C ASN A 83 -13.64 -1.34 -5.86
N ASN A 84 -13.15 -0.41 -5.05
CA ASN A 84 -12.25 0.60 -5.57
C ASN A 84 -11.34 1.11 -4.48
N VAL A 85 -10.33 1.85 -4.91
CA VAL A 85 -9.24 2.29 -4.08
C VAL A 85 -9.68 3.32 -3.01
N ASP A 86 -10.86 3.90 -3.19
CA ASP A 86 -11.39 4.84 -2.20
C ASP A 86 -12.12 4.13 -1.07
N ASP A 87 -12.06 2.80 -1.08
CA ASP A 87 -12.53 2.02 0.06
C ASP A 87 -11.41 1.07 0.44
N VAL A 89 -9.00 -1.12 2.61
CA VAL A 89 -9.17 -1.87 3.85
C VAL A 89 -7.84 -2.14 4.55
N GLY A 90 -6.74 -2.12 3.79
CA GLY A 90 -5.41 -2.38 4.32
C GLY A 90 -4.41 -2.84 3.26
N ILE A 91 -3.51 -3.73 3.65
CA ILE A 91 -2.36 -4.06 2.84
C ILE A 91 -2.04 -5.54 2.99
N ILE A 92 -1.48 -6.14 1.95
CA ILE A 92 -1.17 -7.56 1.98
C ILE A 92 0.26 -7.74 1.52
N SER A 93 0.95 -8.67 2.19
CA SER A 93 2.28 -9.10 1.77
C SER A 93 2.13 -10.17 0.68
N ALA A 94 2.81 -9.98 -0.44
CA ALA A 94 2.71 -10.94 -1.52
C ALA A 94 3.27 -12.30 -1.08
N LYS A 95 4.40 -12.25 -0.39
CA LYS A 95 5.06 -13.47 0.03
C LYS A 95 4.13 -14.32 0.86
N GLN A 96 3.35 -13.68 1.70
CA GLN A 96 2.45 -14.42 2.58
C GLN A 96 1.33 -15.04 1.78
N LEU A 97 0.76 -14.27 0.87
CA LEU A 97 -0.39 -14.71 0.10
C LEU A 97 0.05 -15.93 -0.71
N LEU A 98 1.18 -15.77 -1.39
CA LEU A 98 1.68 -16.82 -2.24
C LEU A 98 2.15 -18.00 -1.41
N SER A 99 2.85 -17.71 -0.31
CA SER A 99 3.29 -18.77 0.59
C SER A 99 2.10 -19.62 0.95
N GLU A 100 1.06 -18.98 1.49
CA GLU A 100 -0.12 -19.68 1.98
C GLU A 100 -1.01 -20.21 0.87
N SER A 101 -0.70 -19.86 -0.37
CA SER A 101 -1.46 -20.39 -1.49
C SER A 101 -0.79 -21.66 -1.96
N ILE A 102 0.51 -21.55 -2.23
CA ILE A 102 1.34 -22.70 -2.55
C ILE A 102 1.25 -23.73 -1.43
N ALA A 103 1.03 -23.24 -0.22
CA ALA A 103 0.83 -24.09 0.94
C ALA A 103 -0.39 -25.00 0.74
N GLY A 104 -1.42 -24.43 0.13
CA GLY A 104 -2.64 -25.18 -0.16
C GLY A 104 -3.65 -25.12 0.96
N GLU A 105 -3.38 -24.31 1.97
CA GLU A 105 -4.28 -24.18 3.11
C GLU A 105 -5.53 -23.39 2.73
N ARG A 106 -6.60 -23.61 3.49
CA ARG A 106 -7.85 -22.89 3.26
C ARG A 106 -7.61 -21.41 3.48
N LEU A 107 -7.73 -20.63 2.42
CA LEU A 107 -7.25 -19.27 2.41
C LEU A 107 -8.35 -18.28 2.08
N GLU A 108 -8.57 -17.32 2.97
CA GLU A 108 -9.48 -16.22 2.68
C GLU A 108 -8.67 -14.92 2.71
N LEU A 109 -8.71 -14.17 1.62
CA LEU A 109 -7.90 -12.99 1.46
C LEU A 109 -8.00 -12.01 2.63
N VAL A 110 -9.20 -11.84 3.15
CA VAL A 110 -9.44 -10.84 4.19
C VAL A 110 -8.65 -11.16 5.45
N ASP A 111 -8.21 -12.41 5.57
CA ASP A 111 -7.50 -12.88 6.74
C ASP A 111 -6.03 -12.44 6.77
N LEU A 112 -5.50 -12.06 5.60
CA LEU A 112 -4.10 -11.66 5.53
C LEU A 112 -3.95 -10.15 5.52
N VAL A 113 -5.06 -9.42 5.55
CA VAL A 113 -4.97 -7.97 5.47
C VAL A 113 -4.33 -7.41 6.74
N LYS A 114 -3.37 -6.51 6.57
CA LYS A 114 -2.75 -5.84 7.72
C LYS A 114 -3.14 -4.37 7.68
N ASN A 115 -3.05 -3.70 8.81
CA ASN A 115 -3.51 -2.32 8.92
C ASN A 115 -2.72 -1.33 8.07
N CYS A 116 -3.40 -0.29 7.62
CA CYS A 116 -2.79 0.72 6.77
C CYS A 116 -2.98 2.08 7.42
N ASN A 117 -1.94 2.92 7.37
CA ASN A 117 -2.08 4.27 7.89
C ASN A 117 -2.30 5.30 6.82
N PHE A 118 -3.14 6.27 7.12
CA PHE A 118 -3.39 7.39 6.24
C PHE A 118 -2.72 8.65 6.79
N VAL A 119 -2.26 9.51 5.90
CA VAL A 119 -1.72 10.80 6.31
C VAL A 119 -2.22 11.89 5.36
N PRO A 120 -2.33 13.13 5.86
CA PRO A 120 -2.77 14.23 5.01
C PRO A 120 -1.69 14.59 4.01
N ASN A 121 -2.10 15.08 2.84
CA ASN A 121 -1.14 15.55 1.86
C ASN A 121 -0.48 16.87 2.27
N SER A 122 -0.83 17.35 3.46
CA SER A 122 -0.29 18.60 3.98
C SER A 122 0.95 18.36 4.89
N LEU A 123 1.36 17.10 5.00
CA LEU A 123 2.52 16.77 5.81
C LEU A 123 3.79 17.29 5.13
N SER A 124 4.74 17.77 5.91
CA SER A 124 6.03 18.16 5.37
C SER A 124 6.88 16.91 5.17
N GLY A 125 7.99 17.04 4.46
CA GLY A 125 8.92 15.93 4.30
C GLY A 125 9.43 15.34 5.60
N GLU A 127 8.05 15.65 8.63
CA GLU A 127 6.88 15.07 9.31
CA GLU A 127 6.91 15.07 9.33
C GLU A 127 6.54 13.69 8.75
N LEU A 128 6.64 13.54 7.44
CA LEU A 128 6.37 12.25 6.81
C LEU A 128 7.45 11.23 7.23
N LEU A 129 8.71 11.63 7.11
CA LEU A 129 9.84 10.84 7.56
C LEU A 129 9.65 10.32 8.99
N GLU A 130 9.34 11.23 9.90
CA GLU A 130 9.12 10.84 11.29
C GLU A 130 7.95 9.90 11.47
N HIS A 131 6.89 10.10 10.68
CA HIS A 131 5.75 9.18 10.71
C HIS A 131 6.21 7.76 10.35
N PHE A 132 7.06 7.64 9.31
CA PHE A 132 7.60 6.32 8.93
C PHE A 132 8.43 5.69 10.04
N ARG A 133 9.35 6.46 10.60
CA ARG A 133 10.22 5.96 11.65
C ARG A 133 9.41 5.51 12.88
N THR A 134 8.50 6.36 13.34
CA THR A 134 7.64 6.06 14.48
C THR A 134 6.80 4.80 14.28
N THR A 135 6.17 4.67 13.12
CA THR A 135 5.21 3.59 12.90
C THR A 135 5.92 2.32 12.47
N GLY A 136 7.09 2.46 11.85
CA GLY A 136 7.76 1.32 11.24
C GLY A 136 7.02 0.78 10.01
N SER A 137 6.19 1.61 9.39
CA SER A 137 5.42 1.21 8.22
C SER A 137 6.30 1.18 6.96
N GLN A 138 5.97 0.29 6.02
CA GLN A 138 6.67 0.25 4.74
CA GLN A 138 6.68 0.26 4.75
C GLN A 138 5.93 1.12 3.73
N VAL A 140 2.50 4.06 3.34
CA VAL A 140 1.44 4.91 3.90
CA VAL A 140 1.43 4.90 3.90
C VAL A 140 0.58 5.48 2.78
N PHE A 141 -0.70 5.68 3.07
CA PHE A 141 -1.62 6.26 2.11
C PHE A 141 -1.79 7.76 2.36
N VAL A 142 -1.85 8.53 1.29
CA VAL A 142 -1.96 9.97 1.36
C VAL A 142 -3.32 10.43 0.84
N VAL A 143 -4.01 11.27 1.62
CA VAL A 143 -5.31 11.80 1.22
C VAL A 143 -5.26 13.31 1.09
N ASP A 144 -6.15 13.89 0.28
CA ASP A 144 -6.28 15.34 0.19
C ASP A 144 -7.25 15.88 1.24
N GLU A 145 -7.62 17.15 1.11
CA GLU A 145 -8.48 17.80 2.10
C GLU A 145 -9.92 17.27 2.11
N TYR A 146 -10.35 16.64 1.01
CA TYR A 146 -11.67 16.01 0.96
C TYR A 146 -11.68 14.63 1.61
N GLY A 147 -10.51 14.18 2.07
CA GLY A 147 -10.37 12.81 2.56
C GLY A 147 -10.21 11.81 1.43
N ASP A 148 -10.02 12.29 0.22
CA ASP A 148 -9.89 11.38 -0.91
C ASP A 148 -8.44 10.92 -1.09
N LEU A 149 -8.26 9.66 -1.45
CA LEU A 149 -6.93 9.10 -1.66
C LEU A 149 -6.23 9.76 -2.86
N LYS A 150 -5.01 10.23 -2.65
CA LYS A 150 -4.21 10.89 -3.70
C LYS A 150 -3.10 9.98 -4.21
N GLY A 151 -2.71 9.00 -3.39
CA GLY A 151 -1.59 8.15 -3.73
C GLY A 151 -1.01 7.46 -2.52
N LEU A 152 0.18 6.90 -2.68
CA LEU A 152 0.85 6.26 -1.56
C LEU A 152 2.33 6.59 -1.56
N VAL A 153 2.92 6.55 -0.38
CA VAL A 153 4.37 6.71 -0.24
C VAL A 153 4.97 5.47 0.41
N THR A 154 6.12 5.02 -0.11
CA THR A 154 6.83 3.92 0.51
C THR A 154 8.09 4.38 1.26
N LEU A 155 8.47 3.62 2.28
CA LEU A 155 9.71 3.90 3.00
C LEU A 155 10.87 3.88 2.00
N GLN A 156 10.86 2.86 1.13
CA GLN A 156 11.89 2.70 0.11
CA GLN A 156 11.91 2.72 0.14
C GLN A 156 12.07 3.99 -0.68
N ASP A 157 10.96 4.53 -1.16
CA ASP A 157 11.01 5.77 -1.94
C ASP A 157 11.49 6.93 -1.09
N ASP A 160 15.31 6.45 -0.76
CA ASP A 160 15.98 6.77 -2.02
C ASP A 160 16.07 8.27 -2.20
N ALA A 161 15.04 8.98 -1.76
CA ALA A 161 15.02 10.42 -1.96
C ALA A 161 16.01 11.12 -1.00
N LEU A 162 16.19 10.55 0.18
CA LEU A 162 17.15 11.10 1.13
C LEU A 162 18.59 10.85 0.68
N THR A 163 18.86 9.66 0.15
CA THR A 163 20.23 9.24 -0.13
C THR A 163 20.63 9.54 -1.58
N GLY A 164 19.71 10.11 -2.33
CA GLY A 164 19.99 10.56 -3.66
C GLY A 164 20.22 12.05 -3.65
N GLU A 165 19.73 12.73 -4.69
CA GLU A 165 19.94 14.16 -4.82
C GLU A 165 18.63 14.92 -4.69
N PHE A 166 17.64 14.29 -4.08
CA PHE A 166 16.30 14.89 -3.97
C PHE A 166 16.28 16.15 -3.11
N PHE A 167 16.84 16.07 -1.91
CA PHE A 167 16.81 17.18 -0.97
C PHE A 167 18.05 18.08 -1.08
#